data_6Z23
#
_entry.id   6Z23
#
_cell.length_a   60.137
_cell.length_b   78.912
_cell.length_c   55.655
_cell.angle_alpha   90.000
_cell.angle_beta   90.000
_cell.angle_gamma   90.000
#
_symmetry.space_group_name_H-M   'P 21 21 2'
#
loop_
_entity.id
_entity.type
_entity.pdbx_description
1 polymer 'Carbapenem-hydrolyzing beta-lactamase KPC'
2 non-polymer GLYCEROL
3 non-polymer 'SULFATE ION'
4 non-polymer "CEFOTAXIME, C3' cleaved, open, bound form"
5 water water
#
_entity_poly.entity_id   1
_entity_poly.type   'polypeptide(L)'
_entity_poly.pdbx_seq_one_letter_code
;MGSSHHHHHHSSGLVPRGSHMLTNLVAEPFAKLEQDFGGSIGVYAMDTGSGATVSYRAEERFPLCSSFKGFLAAAVLARS
QQQAGLLDTPIRYGKNALVPWSPISEKYLTTGMTVAELSAAAVQYSDNAAANLLLKELGGPAGLTAFMRSIGDTTFRLDR
WQLELNSAIPGDARDTSSPRAVTESLQKLTLGSALAAPQRQQFVDWLKGNTTGNHRIRAAVPADWAVGDKTGTCGVYGTA
NDYAVVWPTGRAPIVLAVYTRAPNKDDKHSEAVIAAAARLALEGLGVNGQ
;
_entity_poly.pdbx_strand_id   A
#
# COMPACT_ATOMS: atom_id res chain seq x y z
N LEU A 22 2.28 -22.83 -11.76
CA LEU A 22 2.49 -22.66 -10.33
C LEU A 22 1.50 -21.69 -9.73
N THR A 23 0.50 -21.28 -10.52
CA THR A 23 -0.56 -20.43 -10.04
C THR A 23 -1.73 -21.26 -9.54
N ASN A 24 -2.15 -21.01 -8.31
CA ASN A 24 -3.34 -21.63 -7.73
C ASN A 24 -3.21 -23.16 -7.74
N LEU A 25 -2.04 -23.66 -7.35
CA LEU A 25 -1.85 -25.10 -7.20
C LEU A 25 -2.84 -25.68 -6.20
N VAL A 26 -3.25 -24.89 -5.20
CA VAL A 26 -4.15 -25.31 -4.14
C VAL A 26 -5.34 -24.34 -4.13
N ALA A 27 -6.54 -24.88 -4.34
CA ALA A 27 -7.75 -24.08 -4.33
C ALA A 27 -8.06 -23.61 -2.90
N GLU A 28 -8.50 -22.36 -2.78
CA GLU A 28 -8.93 -21.76 -1.52
C GLU A 28 -10.27 -21.07 -1.72
N PRO A 29 -11.11 -21.04 -0.68
CA PRO A 29 -12.51 -20.57 -0.83
C PRO A 29 -12.65 -19.05 -0.79
N PHE A 30 -11.98 -18.37 -1.72
CA PHE A 30 -12.13 -16.93 -1.83
C PHE A 30 -13.56 -16.54 -2.21
N ALA A 31 -14.21 -17.33 -3.07
CA ALA A 31 -15.56 -16.99 -3.51
C ALA A 31 -16.55 -16.97 -2.35
N LYS A 32 -16.49 -17.98 -1.48
CA LYS A 32 -17.36 -17.98 -0.31
C LYS A 32 -17.07 -16.77 0.57
N LEU A 33 -15.79 -16.44 0.72
CA LEU A 33 -15.42 -15.31 1.55
C LEU A 33 -15.99 -14.00 1.00
N GLU A 34 -15.88 -13.78 -0.32
CA GLU A 34 -16.38 -12.50 -0.83
C GLU A 34 -17.91 -12.48 -0.83
N GLN A 35 -18.55 -13.65 -0.98
CA GLN A 35 -20.00 -13.70 -0.89
C GLN A 35 -20.46 -13.39 0.51
N ASP A 36 -19.76 -13.90 1.52
CA ASP A 36 -20.08 -13.54 2.90
C ASP A 36 -19.91 -12.04 3.15
N PHE A 37 -18.85 -11.48 2.56
CA PHE A 37 -18.56 -10.04 2.68
C PHE A 37 -19.60 -9.19 1.98
N GLY A 38 -20.14 -9.69 0.87
CA GLY A 38 -21.10 -8.94 0.09
C GLY A 38 -20.48 -8.07 -0.98
N GLY A 39 -19.31 -8.42 -1.45
CA GLY A 39 -18.62 -7.62 -2.45
C GLY A 39 -17.62 -8.45 -3.19
N SER A 40 -16.56 -7.81 -3.61
CA SER A 40 -15.50 -8.43 -4.39
C SER A 40 -14.17 -8.30 -3.65
N ILE A 41 -13.40 -9.38 -3.66
CA ILE A 41 -12.07 -9.40 -3.08
C ILE A 41 -11.08 -9.78 -4.16
N GLY A 42 -9.98 -9.05 -4.21
CA GLY A 42 -8.89 -9.28 -5.15
C GLY A 42 -7.63 -9.60 -4.39
N VAL A 43 -6.98 -10.68 -4.73
CA VAL A 43 -5.81 -11.16 -4.02
C VAL A 43 -4.75 -11.59 -5.00
N TYR A 44 -3.52 -11.16 -4.77
N TYR A 44 -3.50 -11.20 -4.73
CA TYR A 44 -2.36 -11.74 -5.41
CA TYR A 44 -2.36 -11.77 -5.46
C TYR A 44 -1.35 -11.97 -4.31
C TYR A 44 -1.18 -11.90 -4.50
N ALA A 45 -0.69 -13.12 -4.36
CA ALA A 45 0.37 -13.45 -3.42
C ALA A 45 1.44 -14.24 -4.16
N MET A 46 2.69 -13.89 -3.89
N MET A 46 2.70 -13.88 -3.94
CA MET A 46 3.85 -14.48 -4.54
CA MET A 46 3.80 -14.57 -4.59
C MET A 46 4.80 -15.03 -3.49
C MET A 46 4.81 -15.03 -3.55
N ASP A 47 5.18 -16.29 -3.65
CA ASP A 47 6.29 -16.87 -2.89
C ASP A 47 7.54 -16.58 -3.69
N THR A 48 8.38 -15.69 -3.19
CA THR A 48 9.53 -15.27 -3.99
C THR A 48 10.61 -16.32 -4.10
N GLY A 49 10.53 -17.42 -3.34
CA GLY A 49 11.49 -18.48 -3.46
C GLY A 49 11.18 -19.35 -4.66
N SER A 50 9.94 -19.83 -4.72
CA SER A 50 9.55 -20.80 -5.75
C SER A 50 8.91 -20.17 -6.97
N GLY A 51 8.37 -18.97 -6.83
CA GLY A 51 7.56 -18.39 -7.88
C GLY A 51 6.10 -18.79 -7.83
N ALA A 52 5.72 -19.64 -6.87
CA ALA A 52 4.32 -20.02 -6.74
C ALA A 52 3.49 -18.81 -6.37
N THR A 53 2.26 -18.77 -6.90
CA THR A 53 1.38 -17.66 -6.66
C THR A 53 -0.02 -18.15 -6.33
N VAL A 54 -0.75 -17.27 -5.64
CA VAL A 54 -2.19 -17.37 -5.41
C VAL A 54 -2.81 -16.15 -6.06
N SER A 55 -3.87 -16.36 -6.81
CA SER A 55 -4.44 -15.28 -7.63
C SER A 55 -5.94 -15.42 -7.65
N TYR A 56 -6.66 -14.38 -7.25
CA TYR A 56 -8.11 -14.35 -7.27
C TYR A 56 -8.53 -12.94 -7.63
N ARG A 57 -9.20 -12.76 -8.77
CA ARG A 57 -9.55 -11.44 -9.26
C ARG A 57 -8.32 -10.52 -9.31
N ALA A 58 -7.18 -11.11 -9.64
CA ALA A 58 -5.92 -10.41 -9.42
C ALA A 58 -5.65 -9.32 -10.46
N GLU A 59 -6.29 -9.38 -11.60
CA GLU A 59 -6.11 -8.39 -12.66
C GLU A 59 -7.28 -7.43 -12.75
N GLU A 60 -8.27 -7.50 -11.86
CA GLU A 60 -9.30 -6.50 -11.79
C GLU A 60 -8.78 -5.24 -11.13
N ARG A 61 -9.36 -4.11 -11.52
CA ARG A 61 -9.01 -2.84 -10.89
C ARG A 61 -9.81 -2.65 -9.61
N PHE A 62 -9.10 -2.16 -8.56
CA PHE A 62 -9.68 -1.78 -7.31
C PHE A 62 -9.13 -0.41 -6.93
N PRO A 63 -9.93 0.43 -6.30
CA PRO A 63 -9.40 1.72 -5.83
C PRO A 63 -8.21 1.56 -4.90
N LEU A 64 -7.19 2.39 -5.14
CA LEU A 64 -6.02 2.43 -4.26
C LEU A 64 -6.34 2.97 -2.88
N CYS A 65 -7.23 3.96 -2.77
CA CYS A 65 -7.38 4.69 -1.50
C CYS A 65 -6.00 5.08 -1.03
N SER A 66 -5.77 5.06 0.28
CA SER A 66 -4.49 5.53 0.81
C SER A 66 -3.32 4.60 0.47
N SER A 67 -3.53 3.43 -0.12
CA SER A 67 -2.38 2.58 -0.40
C SER A 67 -1.44 3.15 -1.44
N PHE A 68 -1.84 4.19 -2.18
CA PHE A 68 -0.89 4.81 -3.09
C PHE A 68 0.30 5.43 -2.34
N LYS A 69 0.15 5.69 -1.03
CA LYS A 69 1.17 6.41 -0.29
C LYS A 69 2.44 5.59 -0.11
N GLY A 70 2.34 4.27 -0.08
CA GLY A 70 3.56 3.49 -0.05
C GLY A 70 4.38 3.72 -1.29
N PHE A 71 3.74 3.65 -2.46
CA PHE A 71 4.47 3.91 -3.70
C PHE A 71 4.96 5.34 -3.76
N LEU A 72 4.21 6.27 -3.19
CA LEU A 72 4.63 7.67 -3.13
C LEU A 72 5.94 7.79 -2.34
N ALA A 73 6.03 7.12 -1.21
CA ALA A 73 7.27 7.15 -0.44
C ALA A 73 8.41 6.50 -1.21
N ALA A 74 8.15 5.41 -1.93
CA ALA A 74 9.20 4.81 -2.76
C ALA A 74 9.67 5.78 -3.83
N ALA A 75 8.73 6.55 -4.42
CA ALA A 75 9.09 7.52 -5.43
C ALA A 75 9.93 8.64 -4.85
N VAL A 76 9.64 9.06 -3.62
CA VAL A 76 10.48 10.04 -2.93
C VAL A 76 11.89 9.46 -2.75
N LEU A 77 11.97 8.22 -2.27
CA LEU A 77 13.26 7.58 -2.09
C LEU A 77 14.02 7.48 -3.41
N ALA A 78 13.32 7.15 -4.49
CA ALA A 78 13.98 7.08 -5.79
C ALA A 78 14.58 8.43 -6.16
N ARG A 79 13.83 9.50 -5.95
CA ARG A 79 14.34 10.83 -6.27
C ARG A 79 15.54 11.18 -5.40
N SER A 80 15.53 10.76 -4.14
CA SER A 80 16.64 11.06 -3.25
C SER A 80 17.93 10.41 -3.71
N GLN A 81 17.87 9.38 -4.55
CA GLN A 81 19.10 8.82 -5.10
C GLN A 81 19.81 9.83 -5.98
N GLN A 82 19.06 10.74 -6.60
CA GLN A 82 19.64 11.81 -7.40
C GLN A 82 19.90 13.06 -6.57
N GLN A 83 19.01 13.38 -5.63
CA GLN A 83 19.10 14.59 -4.82
C GLN A 83 19.54 14.21 -3.41
N ALA A 84 20.85 14.32 -3.17
CA ALA A 84 21.45 13.86 -1.91
C ALA A 84 20.66 14.33 -0.69
N GLY A 85 20.39 15.63 -0.60
CA GLY A 85 19.79 16.18 0.60
C GLY A 85 18.28 16.25 0.63
N LEU A 86 17.63 15.53 -0.27
CA LEU A 86 16.17 15.64 -0.37
C LEU A 86 15.49 15.25 0.93
N LEU A 87 15.88 14.12 1.51
CA LEU A 87 15.11 13.58 2.64
C LEU A 87 15.16 14.50 3.86
N ASP A 88 16.23 15.26 4.02
N ASP A 88 16.25 15.26 4.01
CA ASP A 88 16.38 16.16 5.16
CA ASP A 88 16.43 16.18 5.12
C ASP A 88 15.92 17.58 4.84
C ASP A 88 15.85 17.56 4.88
N THR A 89 15.22 17.78 3.73
CA THR A 89 14.75 19.11 3.40
C THR A 89 13.55 19.45 4.27
N PRO A 90 13.58 20.59 4.98
CA PRO A 90 12.41 20.98 5.77
C PRO A 90 11.29 21.52 4.89
N ILE A 91 10.06 21.12 5.21
CA ILE A 91 8.88 21.55 4.49
C ILE A 91 7.95 22.26 5.46
N ARG A 92 7.69 23.54 5.22
N ARG A 92 7.69 23.54 5.23
N ARG A 92 7.69 23.54 5.22
CA ARG A 92 6.72 24.31 5.98
CA ARG A 92 6.72 24.29 6.01
CA ARG A 92 6.72 24.32 5.98
C ARG A 92 5.40 24.32 5.21
C ARG A 92 5.42 24.42 5.24
C ARG A 92 5.40 24.34 5.22
N TYR A 93 4.30 24.37 5.96
CA TYR A 93 2.97 24.31 5.34
C TYR A 93 2.00 25.10 6.19
N GLY A 94 0.93 25.60 5.54
CA GLY A 94 -0.09 26.33 6.25
C GLY A 94 -1.24 25.44 6.69
N LYS A 95 -2.15 26.04 7.47
CA LYS A 95 -3.29 25.31 7.98
C LYS A 95 -4.16 24.79 6.85
N ASN A 96 -4.14 25.47 5.71
CA ASN A 96 -4.95 25.02 4.58
C ASN A 96 -4.45 23.71 4.02
N ALA A 97 -3.21 23.31 4.30
CA ALA A 97 -2.72 22.01 3.86
C ALA A 97 -3.27 20.87 4.68
N LEU A 98 -3.80 21.14 5.87
CA LEU A 98 -4.30 20.07 6.71
C LEU A 98 -5.64 19.64 6.17
N VAL A 99 -5.81 18.34 6.00
CA VAL A 99 -7.08 17.78 5.59
C VAL A 99 -7.42 16.73 6.65
N PRO A 100 -8.64 16.23 6.67
CA PRO A 100 -9.00 15.27 7.73
C PRO A 100 -8.04 14.09 7.75
N TRP A 101 -7.90 13.52 8.95
N TRP A 101 -7.79 13.59 8.96
CA TRP A 101 -6.90 12.53 9.30
CA TRP A 101 -6.90 12.45 9.19
C TRP A 101 -5.52 12.92 8.80
C TRP A 101 -5.44 12.81 8.88
N SER A 102 -4.90 13.81 9.57
CA SER A 102 -3.52 14.24 9.38
C SER A 102 -2.88 14.27 10.77
N PRO A 103 -2.82 13.12 11.45
CA PRO A 103 -2.50 13.13 12.89
C PRO A 103 -1.08 13.52 13.21
N ILE A 104 -0.13 13.30 12.31
CA ILE A 104 1.25 13.72 12.55
C ILE A 104 1.46 15.14 12.07
N SER A 105 1.09 15.44 10.82
CA SER A 105 1.38 16.76 10.27
C SER A 105 0.69 17.87 11.07
N GLU A 106 -0.46 17.61 11.66
CA GLU A 106 -1.12 18.65 12.47
C GLU A 106 -0.31 19.01 13.70
N LYS A 107 0.55 18.11 14.18
N LYS A 107 0.54 18.12 14.20
CA LYS A 107 1.36 18.38 15.37
CA LYS A 107 1.34 18.41 15.38
C LYS A 107 2.62 19.18 15.04
C LYS A 107 2.62 19.19 15.05
N TYR A 108 2.98 19.29 13.77
CA TYR A 108 4.16 20.04 13.33
C TYR A 108 3.77 21.20 12.41
N LEU A 109 2.51 21.60 12.44
CA LEU A 109 2.06 22.75 11.64
C LEU A 109 2.93 23.96 11.92
N THR A 110 3.18 24.25 13.19
CA THR A 110 3.90 25.45 13.55
C THR A 110 5.40 25.32 13.39
N THR A 111 5.92 24.16 13.02
CA THR A 111 7.35 23.95 12.92
C THR A 111 7.82 23.50 11.55
N GLY A 112 6.97 22.82 10.78
CA GLY A 112 7.38 22.12 9.58
C GLY A 112 7.89 20.73 9.92
N MET A 113 8.08 19.94 8.85
N MET A 113 8.11 19.95 8.86
CA MET A 113 8.59 18.57 8.92
CA MET A 113 8.66 18.61 8.96
C MET A 113 9.54 18.38 7.75
C MET A 113 9.54 18.37 7.75
N THR A 114 10.45 17.41 7.88
CA THR A 114 11.31 17.07 6.75
C THR A 114 10.58 16.17 5.76
N VAL A 115 11.13 16.07 4.56
CA VAL A 115 10.57 15.18 3.55
C VAL A 115 10.53 13.76 4.07
N ALA A 116 11.60 13.32 4.74
CA ALA A 116 11.60 11.96 5.29
C ALA A 116 10.51 11.80 6.34
N GLU A 117 10.31 12.82 7.19
CA GLU A 117 9.27 12.71 8.21
C GLU A 117 7.88 12.69 7.59
N LEU A 118 7.67 13.47 6.54
CA LEU A 118 6.40 13.43 5.83
C LEU A 118 6.17 12.06 5.22
N SER A 119 7.21 11.45 4.66
CA SER A 119 7.10 10.14 4.06
C SER A 119 6.75 9.09 5.10
N ALA A 120 7.47 9.13 6.22
CA ALA A 120 7.18 8.19 7.31
C ALA A 120 5.74 8.36 7.80
N ALA A 121 5.28 9.61 7.94
CA ALA A 121 3.92 9.85 8.41
C ALA A 121 2.88 9.31 7.43
N ALA A 122 3.10 9.56 6.14
CA ALA A 122 2.19 9.06 5.11
C ALA A 122 2.14 7.55 5.15
N VAL A 123 3.29 6.90 5.31
CA VAL A 123 3.32 5.44 5.28
C VAL A 123 2.77 4.84 6.56
N GLN A 124 3.16 5.40 7.70
CA GLN A 124 3.00 4.72 8.99
C GLN A 124 1.74 5.12 9.74
N TYR A 125 1.19 6.27 9.45
CA TYR A 125 -0.03 6.76 10.05
C TYR A 125 -1.07 7.08 8.97
N SER A 126 -0.74 6.85 7.69
CA SER A 126 -1.60 7.23 6.59
C SER A 126 -2.04 8.69 6.74
N ASP A 127 -1.09 9.54 7.11
CA ASP A 127 -1.36 10.97 7.24
C ASP A 127 -1.71 11.54 5.89
N ASN A 128 -2.90 12.13 5.79
CA ASN A 128 -3.39 12.58 4.47
C ASN A 128 -2.69 13.86 4.03
N ALA A 129 -2.49 14.83 4.93
CA ALA A 129 -1.83 16.06 4.50
C ALA A 129 -0.38 15.78 4.08
N ALA A 130 0.33 14.93 4.84
CA ALA A 130 1.70 14.60 4.47
C ALA A 130 1.75 14.07 3.04
N ALA A 131 0.83 13.17 2.68
CA ALA A 131 0.81 12.61 1.33
C ALA A 131 0.55 13.67 0.28
N ASN A 132 -0.38 14.59 0.54
CA ASN A 132 -0.63 15.64 -0.45
C ASN A 132 0.61 16.51 -0.64
N LEU A 133 1.30 16.86 0.44
CA LEU A 133 2.51 17.67 0.33
C LEU A 133 3.55 16.96 -0.52
N LEU A 134 3.73 15.66 -0.29
CA LEU A 134 4.73 14.93 -1.05
C LEU A 134 4.30 14.77 -2.50
N LEU A 135 3.02 14.54 -2.73
CA LEU A 135 2.53 14.41 -4.10
C LEU A 135 2.81 15.69 -4.88
N LYS A 136 2.61 16.84 -4.24
CA LYS A 136 2.94 18.11 -4.90
C LYS A 136 4.42 18.16 -5.25
N GLU A 137 5.28 17.74 -4.32
CA GLU A 137 6.72 17.73 -4.58
C GLU A 137 7.09 16.85 -5.76
N LEU A 138 6.31 15.79 -6.01
CA LEU A 138 6.60 14.84 -7.06
C LEU A 138 5.97 15.21 -8.40
N GLY A 139 5.27 16.33 -8.49
CA GLY A 139 4.58 16.68 -9.70
C GLY A 139 3.20 16.10 -9.82
N GLY A 140 2.57 15.77 -8.70
CA GLY A 140 1.17 15.44 -8.69
C GLY A 140 0.93 13.99 -9.06
N PRO A 141 -0.35 13.66 -9.28
CA PRO A 141 -0.69 12.25 -9.63
C PRO A 141 0.02 11.77 -10.88
N ALA A 142 0.19 12.61 -11.89
CA ALA A 142 0.90 12.16 -13.07
C ALA A 142 2.37 11.85 -12.76
N GLY A 143 2.97 12.57 -11.82
CA GLY A 143 4.36 12.29 -11.49
C GLY A 143 4.52 10.96 -10.77
N LEU A 144 3.57 10.65 -9.89
CA LEU A 144 3.64 9.34 -9.23
C LEU A 144 3.37 8.23 -10.24
N THR A 145 2.41 8.45 -11.14
CA THR A 145 2.14 7.48 -12.19
C THR A 145 3.39 7.25 -13.04
N ALA A 146 4.08 8.34 -13.38
CA ALA A 146 5.32 8.25 -14.15
C ALA A 146 6.35 7.40 -13.44
N PHE A 147 6.49 7.56 -12.12
CA PHE A 147 7.44 6.72 -11.40
C PHE A 147 7.05 5.26 -11.51
N MET A 148 5.77 4.96 -11.37
CA MET A 148 5.34 3.57 -11.50
C MET A 148 5.60 3.03 -12.90
N ARG A 149 5.39 3.82 -13.93
CA ARG A 149 5.77 3.36 -15.27
C ARG A 149 7.25 3.07 -15.35
N SER A 150 8.08 3.86 -14.67
CA SER A 150 9.53 3.68 -14.76
C SER A 150 10.02 2.37 -14.16
N ILE A 151 9.24 1.76 -13.28
CA ILE A 151 9.61 0.45 -12.73
C ILE A 151 8.86 -0.68 -13.44
N GLY A 152 8.17 -0.38 -14.53
CA GLY A 152 7.50 -1.39 -15.33
C GLY A 152 6.07 -1.69 -14.99
N ASP A 153 5.42 -0.85 -14.20
CA ASP A 153 4.02 -1.06 -13.81
C ASP A 153 3.16 -0.26 -14.78
N THR A 154 2.41 -0.96 -15.62
CA THR A 154 1.58 -0.31 -16.63
C THR A 154 0.12 -0.25 -16.22
N THR A 155 -0.21 -0.72 -15.02
CA THR A 155 -1.58 -0.79 -14.54
C THR A 155 -1.92 0.36 -13.64
N PHE A 156 -1.00 0.68 -12.72
CA PHE A 156 -1.23 1.75 -11.75
C PHE A 156 -1.60 3.05 -12.41
N ARG A 157 -2.62 3.70 -11.87
CA ARG A 157 -2.87 5.09 -12.24
C ARG A 157 -3.36 5.87 -11.04
N LEU A 158 -2.71 6.99 -10.79
CA LEU A 158 -3.23 7.99 -9.88
C LEU A 158 -3.65 9.18 -10.71
N ASP A 159 -4.82 9.72 -10.39
CA ASP A 159 -5.48 10.73 -11.20
C ASP A 159 -5.83 12.00 -10.44
N ARG A 160 -6.08 11.90 -9.15
CA ARG A 160 -6.57 13.00 -8.34
C ARG A 160 -5.74 13.12 -7.06
N TRP A 161 -6.05 14.16 -6.29
CA TRP A 161 -5.40 14.41 -5.01
C TRP A 161 -6.31 13.92 -3.89
N GLN A 162 -5.78 13.96 -2.66
CA GLN A 162 -6.61 13.66 -1.50
C GLN A 162 -7.50 14.86 -1.23
N LEU A 163 -8.77 14.62 -0.88
CA LEU A 163 -9.34 13.32 -0.58
C LEU A 163 -10.19 12.79 -1.71
N GLU A 164 -10.26 13.55 -2.82
CA GLU A 164 -11.12 13.19 -3.95
C GLU A 164 -10.79 11.81 -4.51
N LEU A 165 -9.52 11.39 -4.44
CA LEU A 165 -9.12 10.12 -5.03
C LEU A 165 -9.78 8.92 -4.37
N ASN A 166 -10.48 9.12 -3.26
CA ASN A 166 -11.10 8.03 -2.49
C ASN A 166 -12.54 7.75 -2.91
N SER A 167 -13.03 8.37 -3.99
CA SER A 167 -14.45 8.27 -4.29
C SER A 167 -14.90 6.85 -4.60
N ALA A 168 -13.99 6.01 -5.12
CA ALA A 168 -14.23 4.54 -5.22
C ALA A 168 -15.49 4.23 -6.02
N ILE A 169 -15.78 5.04 -7.04
CA ILE A 169 -17.01 4.85 -7.82
C ILE A 169 -16.96 3.55 -8.61
N PRO A 170 -17.99 2.71 -8.53
CA PRO A 170 -17.97 1.45 -9.29
C PRO A 170 -17.76 1.69 -10.78
N GLY A 171 -16.78 0.97 -11.34
CA GLY A 171 -16.46 1.07 -12.75
C GLY A 171 -15.49 2.19 -13.11
N ASP A 172 -15.16 3.06 -12.17
CA ASP A 172 -14.27 4.18 -12.43
C ASP A 172 -12.83 3.71 -12.30
N ALA A 173 -12.05 3.81 -13.36
CA ALA A 173 -10.65 3.39 -13.32
C ALA A 173 -9.71 4.42 -12.70
N ARG A 174 -10.15 5.62 -12.45
CA ARG A 174 -9.24 6.61 -11.87
C ARG A 174 -8.77 6.14 -10.50
N ASP A 175 -7.51 6.38 -10.21
CA ASP A 175 -6.97 6.10 -8.88
C ASP A 175 -7.16 4.63 -8.49
N THR A 176 -6.81 3.75 -9.42
CA THR A 176 -6.89 2.32 -9.20
C THR A 176 -5.62 1.60 -9.63
N SER A 177 -5.48 0.37 -9.17
CA SER A 177 -4.54 -0.56 -9.74
C SER A 177 -5.15 -1.94 -9.57
N SER A 178 -4.36 -2.97 -9.87
CA SER A 178 -4.80 -4.35 -9.64
C SER A 178 -3.97 -4.98 -8.52
N PRO A 179 -4.52 -5.96 -7.82
CA PRO A 179 -3.70 -6.67 -6.81
C PRO A 179 -2.41 -7.21 -7.37
N ARG A 180 -2.45 -7.75 -8.59
CA ARG A 180 -1.24 -8.30 -9.17
C ARG A 180 -0.19 -7.21 -9.41
N ALA A 181 -0.59 -6.08 -10.02
CA ALA A 181 0.38 -5.03 -10.30
C ALA A 181 0.95 -4.46 -9.00
N VAL A 182 0.09 -4.25 -7.99
CA VAL A 182 0.56 -3.81 -6.67
C VAL A 182 1.62 -4.75 -6.13
N THR A 183 1.34 -6.05 -6.13
CA THR A 183 2.30 -7.00 -5.59
C THR A 183 3.59 -7.01 -6.39
N GLU A 184 3.49 -7.02 -7.73
CA GLU A 184 4.70 -7.03 -8.54
C GLU A 184 5.54 -5.79 -8.30
N SER A 185 4.90 -4.63 -8.19
CA SER A 185 5.67 -3.41 -7.95
C SER A 185 6.25 -3.39 -6.54
N LEU A 186 5.48 -3.84 -5.55
CA LEU A 186 6.00 -3.91 -4.20
C LEU A 186 7.21 -4.81 -4.14
N GLN A 187 7.18 -5.94 -4.85
N GLN A 187 7.16 -5.95 -4.85
CA GLN A 187 8.34 -6.82 -4.84
CA GLN A 187 8.31 -6.84 -4.90
C GLN A 187 9.56 -6.14 -5.47
C GLN A 187 9.53 -6.12 -5.46
N LYS A 188 9.37 -5.44 -6.59
CA LYS A 188 10.49 -4.76 -7.22
C LYS A 188 11.14 -3.75 -6.27
N LEU A 189 10.32 -3.03 -5.50
CA LEU A 189 10.80 -1.94 -4.66
C LEU A 189 11.37 -2.40 -3.34
N THR A 190 10.87 -3.50 -2.77
CA THR A 190 11.34 -3.93 -1.46
C THR A 190 12.36 -5.03 -1.53
N LEU A 191 12.35 -5.85 -2.58
CA LEU A 191 13.23 -7.01 -2.71
C LEU A 191 14.05 -7.00 -3.97
N GLY A 192 13.58 -6.36 -5.02
CA GLY A 192 14.29 -6.27 -6.27
C GLY A 192 15.21 -5.07 -6.35
N SER A 193 15.48 -4.66 -7.58
CA SER A 193 16.53 -3.69 -7.86
C SER A 193 16.00 -2.29 -8.19
N ALA A 194 14.72 -2.03 -7.99
CA ALA A 194 14.14 -0.75 -8.43
C ALA A 194 14.67 0.41 -7.61
N LEU A 195 15.01 0.19 -6.35
CA LEU A 195 15.64 1.19 -5.51
C LEU A 195 17.06 0.72 -5.18
N ALA A 196 17.96 1.67 -5.01
CA ALA A 196 19.29 1.33 -4.50
C ALA A 196 19.16 0.77 -3.09
N ALA A 197 20.17 0.01 -2.66
CA ALA A 197 20.04 -0.77 -1.43
C ALA A 197 19.72 0.09 -0.22
N PRO A 198 20.38 1.22 0.02
CA PRO A 198 20.00 2.03 1.20
C PRO A 198 18.57 2.52 1.15
N GLN A 199 18.12 2.98 -0.01
CA GLN A 199 16.74 3.43 -0.14
C GLN A 199 15.79 2.26 0.01
N ARG A 200 16.17 1.09 -0.50
N ARG A 200 16.17 1.09 -0.50
CA ARG A 200 15.32 -0.09 -0.37
CA ARG A 200 15.30 -0.07 -0.37
C ARG A 200 15.10 -0.43 1.09
C ARG A 200 15.10 -0.45 1.09
N GLN A 201 16.18 -0.46 1.88
CA GLN A 201 16.02 -0.77 3.29
C GLN A 201 15.23 0.31 4.02
N GLN A 202 15.38 1.58 3.62
CA GLN A 202 14.54 2.60 4.23
C GLN A 202 13.07 2.38 3.92
N PHE A 203 12.74 2.03 2.67
CA PHE A 203 11.34 1.76 2.34
C PHE A 203 10.80 0.61 3.19
N VAL A 204 11.56 -0.49 3.26
CA VAL A 204 11.18 -1.62 4.09
C VAL A 204 10.97 -1.18 5.54
N ASP A 205 11.90 -0.38 6.07
CA ASP A 205 11.78 0.06 7.46
C ASP A 205 10.52 0.88 7.68
N TRP A 206 10.19 1.76 6.75
CA TRP A 206 8.94 2.53 6.90
C TRP A 206 7.74 1.59 6.92
N LEU A 207 7.69 0.64 5.98
CA LEU A 207 6.57 -0.30 5.94
C LEU A 207 6.50 -1.14 7.20
N LYS A 208 7.65 -1.59 7.70
CA LYS A 208 7.66 -2.36 8.93
C LYS A 208 7.08 -1.59 10.11
N GLY A 209 7.31 -0.29 10.14
CA GLY A 209 6.80 0.57 11.18
C GLY A 209 5.38 1.01 11.03
N ASN A 210 4.64 0.52 10.04
CA ASN A 210 3.28 0.99 9.89
C ASN A 210 2.45 0.66 11.12
N THR A 211 1.60 1.59 11.53
CA THR A 211 0.73 1.43 12.69
C THR A 211 -0.73 1.15 12.35
N THR A 212 -1.12 1.21 11.09
CA THR A 212 -2.53 1.19 10.74
C THR A 212 -3.03 -0.18 10.28
N GLY A 213 -2.16 -1.18 10.26
CA GLY A 213 -2.51 -2.46 9.65
C GLY A 213 -2.65 -3.65 10.56
N ASN A 214 -2.79 -3.42 11.85
CA ASN A 214 -2.73 -4.54 12.79
C ASN A 214 -3.88 -5.50 12.60
N HIS A 215 -5.00 -5.09 12.03
CA HIS A 215 -6.15 -5.96 11.87
C HIS A 215 -6.33 -6.47 10.46
N ARG A 216 -5.31 -6.31 9.60
CA ARG A 216 -5.40 -6.68 8.19
C ARG A 216 -4.42 -7.82 7.95
N ILE A 217 -3.50 -7.68 6.99
CA ILE A 217 -2.59 -8.78 6.67
C ILE A 217 -1.82 -9.23 7.91
N ARG A 218 -1.38 -8.27 8.74
CA ARG A 218 -0.62 -8.60 9.95
C ARG A 218 -1.36 -9.55 10.85
N ALA A 219 -2.70 -9.48 10.90
CA ALA A 219 -3.46 -10.38 11.76
C ALA A 219 -3.37 -11.82 11.31
N ALA A 220 -2.95 -12.05 10.06
CA ALA A 220 -2.78 -13.40 9.56
C ALA A 220 -1.36 -13.91 9.65
N VAL A 221 -0.43 -13.09 10.13
CA VAL A 221 1.00 -13.35 10.08
C VAL A 221 1.48 -13.60 11.51
N PRO A 222 2.13 -14.71 11.80
CA PRO A 222 2.67 -14.93 13.14
C PRO A 222 3.53 -13.77 13.64
N ALA A 223 3.45 -13.55 14.96
CA ALA A 223 4.18 -12.45 15.59
C ALA A 223 5.69 -12.56 15.42
N ASP A 224 6.23 -13.76 15.24
CA ASP A 224 7.69 -13.90 15.12
C ASP A 224 8.21 -13.76 13.68
N TRP A 225 7.37 -13.37 12.74
CA TRP A 225 7.79 -13.06 11.38
C TRP A 225 7.81 -11.55 11.16
N ALA A 226 8.79 -11.07 10.42
CA ALA A 226 8.82 -9.65 10.05
C ALA A 226 7.80 -9.37 8.96
N VAL A 227 7.19 -8.19 9.03
N VAL A 227 7.16 -8.21 9.06
CA VAL A 227 6.16 -7.82 8.07
CA VAL A 227 6.16 -7.79 8.08
C VAL A 227 6.05 -6.31 7.93
C VAL A 227 6.26 -6.27 7.92
N GLY A 228 6.04 -5.82 6.70
CA GLY A 228 5.81 -4.40 6.43
C GLY A 228 4.58 -4.29 5.54
N ASP A 229 3.78 -3.26 5.76
CA ASP A 229 2.54 -3.14 4.99
C ASP A 229 2.13 -1.70 4.82
N LYS A 230 1.21 -1.47 3.88
CA LYS A 230 0.53 -0.18 3.75
C LYS A 230 -0.95 -0.46 3.50
N THR A 231 -1.83 0.21 4.25
CA THR A 231 -3.26 0.07 4.18
C THR A 231 -3.90 1.16 3.31
N GLY A 232 -5.16 0.90 2.98
CA GLY A 232 -5.99 1.92 2.35
C GLY A 232 -7.43 1.73 2.75
N THR A 233 -8.15 2.81 3.01
CA THR A 233 -9.56 2.76 3.39
C THR A 233 -10.28 3.94 2.74
N CYS A 234 -11.14 3.67 1.76
CA CYS A 234 -11.73 4.78 1.01
C CYS A 234 -12.92 5.40 1.72
N GLY A 235 -13.60 4.67 2.58
CA GLY A 235 -14.71 5.22 3.33
C GLY A 235 -16.08 4.99 2.72
N VAL A 236 -16.11 4.40 1.51
CA VAL A 236 -17.35 4.19 0.76
C VAL A 236 -17.20 2.90 -0.02
N TYR A 237 -18.33 2.36 -0.46
CA TYR A 237 -18.33 1.23 -1.39
C TYR A 237 -17.53 0.04 -0.86
N GLY A 238 -17.57 -0.19 0.44
CA GLY A 238 -16.89 -1.31 1.06
C GLY A 238 -15.45 -1.45 0.63
N THR A 239 -14.78 -0.33 0.37
CA THR A 239 -13.50 -0.35 -0.33
C THR A 239 -12.35 -0.12 0.65
N ALA A 240 -11.49 -1.12 0.77
CA ALA A 240 -10.34 -1.04 1.67
C ALA A 240 -9.35 -2.11 1.23
N ASN A 241 -8.11 -1.98 1.69
CA ASN A 241 -7.06 -2.81 1.12
C ASN A 241 -5.85 -2.81 2.04
N ASP A 242 -4.89 -3.65 1.69
CA ASP A 242 -3.62 -3.75 2.39
C ASP A 242 -2.69 -4.50 1.45
N TYR A 243 -1.42 -4.09 1.41
CA TYR A 243 -0.38 -4.87 0.76
C TYR A 243 0.80 -5.02 1.71
N ALA A 244 1.57 -6.08 1.54
CA ALA A 244 2.59 -6.37 2.52
C ALA A 244 3.71 -7.20 1.92
N VAL A 245 4.88 -7.06 2.50
N VAL A 245 4.88 -7.08 2.54
CA VAL A 245 5.96 -8.02 2.36
CA VAL A 245 5.98 -8.00 2.35
C VAL A 245 6.09 -8.72 3.70
C VAL A 245 6.23 -8.71 3.69
N VAL A 246 6.21 -10.04 3.66
CA VAL A 246 6.24 -10.87 4.85
C VAL A 246 7.50 -11.71 4.77
N TRP A 247 8.24 -11.78 5.86
CA TRP A 247 9.43 -12.62 5.95
C TRP A 247 9.19 -13.77 6.93
N PRO A 248 8.66 -14.91 6.49
CA PRO A 248 8.60 -16.09 7.37
C PRO A 248 10.03 -16.51 7.67
N THR A 249 10.26 -17.00 8.88
CA THR A 249 11.61 -17.41 9.22
C THR A 249 11.98 -18.67 8.43
N GLY A 250 13.22 -18.74 8.01
CA GLY A 250 13.71 -19.94 7.37
C GLY A 250 13.27 -20.16 5.95
N ARG A 251 12.58 -19.22 5.31
CA ARG A 251 12.21 -19.37 3.91
C ARG A 251 12.14 -17.99 3.27
N ALA A 252 11.93 -17.98 1.95
CA ALA A 252 11.94 -16.73 1.21
C ALA A 252 10.73 -15.87 1.54
N PRO A 253 10.83 -14.56 1.38
CA PRO A 253 9.69 -13.70 1.67
C PRO A 253 8.53 -13.91 0.71
N ILE A 254 7.34 -13.54 1.19
CA ILE A 254 6.10 -13.54 0.44
C ILE A 254 5.69 -12.11 0.24
N VAL A 255 5.20 -11.78 -0.94
CA VAL A 255 4.63 -10.46 -1.22
C VAL A 255 3.17 -10.67 -1.55
N LEU A 256 2.28 -9.86 -1.01
CA LEU A 256 0.87 -10.03 -1.29
C LEU A 256 0.08 -8.75 -1.18
N ALA A 257 -1.05 -8.75 -1.87
CA ALA A 257 -1.97 -7.63 -1.87
C ALA A 257 -3.38 -8.16 -1.77
N VAL A 258 -4.20 -7.48 -0.97
CA VAL A 258 -5.61 -7.80 -0.76
C VAL A 258 -6.40 -6.52 -0.88
N TYR A 259 -7.29 -6.47 -1.87
CA TYR A 259 -8.13 -5.31 -2.17
C TYR A 259 -9.59 -5.72 -2.14
N THR A 260 -10.45 -4.84 -1.64
CA THR A 260 -11.86 -5.10 -1.60
C THR A 260 -12.65 -3.92 -2.16
N ARG A 261 -13.85 -4.24 -2.63
CA ARG A 261 -14.86 -3.24 -2.96
C ARG A 261 -16.22 -3.93 -2.88
N ALA A 262 -17.27 -3.13 -2.92
CA ALA A 262 -18.63 -3.64 -2.80
C ALA A 262 -19.54 -2.73 -3.61
N PRO A 263 -20.74 -3.20 -3.97
CA PRO A 263 -21.54 -2.47 -4.96
C PRO A 263 -22.23 -1.20 -4.45
N ASN A 264 -22.55 -1.10 -3.16
CA ASN A 264 -23.36 0.01 -2.66
C ASN A 264 -22.48 1.03 -1.94
N LYS A 265 -22.82 2.31 -2.11
CA LYS A 265 -21.99 3.35 -1.49
C LYS A 265 -21.89 3.18 0.00
N ASP A 266 -22.98 2.79 0.66
N ASP A 266 -22.99 2.79 0.65
CA ASP A 266 -23.00 2.66 2.11
CA ASP A 266 -23.02 2.65 2.10
C ASP A 266 -22.57 1.28 2.58
C ASP A 266 -22.49 1.32 2.60
N ASP A 267 -22.01 0.44 1.71
CA ASP A 267 -21.50 -0.84 2.17
C ASP A 267 -20.25 -0.59 3.02
N LYS A 268 -20.12 -1.30 4.12
CA LYS A 268 -18.97 -1.12 5.01
C LYS A 268 -17.82 -2.00 4.55
N HIS A 269 -16.61 -1.50 4.71
CA HIS A 269 -15.45 -2.36 4.53
C HIS A 269 -15.32 -3.29 5.74
N SER A 270 -14.46 -4.29 5.60
CA SER A 270 -14.20 -5.24 6.67
C SER A 270 -12.71 -5.53 6.78
N GLU A 271 -12.13 -5.19 7.94
CA GLU A 271 -10.75 -5.61 8.20
C GLU A 271 -10.64 -7.11 8.32
N ALA A 272 -11.64 -7.74 8.93
CA ALA A 272 -11.60 -9.18 9.13
C ALA A 272 -11.58 -9.92 7.81
N VAL A 273 -12.28 -9.40 6.79
CA VAL A 273 -12.25 -10.05 5.49
C VAL A 273 -10.86 -9.95 4.87
N ILE A 274 -10.18 -8.83 5.05
CA ILE A 274 -8.82 -8.70 4.53
C ILE A 274 -7.88 -9.69 5.21
N ALA A 275 -7.95 -9.78 6.55
CA ALA A 275 -7.13 -10.75 7.26
C ALA A 275 -7.45 -12.16 6.82
N ALA A 276 -8.74 -12.48 6.66
CA ALA A 276 -9.12 -13.82 6.24
C ALA A 276 -8.58 -14.15 4.86
N ALA A 277 -8.64 -13.17 3.96
CA ALA A 277 -8.12 -13.41 2.62
C ALA A 277 -6.61 -13.60 2.64
N ALA A 278 -5.93 -12.87 3.52
CA ALA A 278 -4.49 -13.05 3.64
C ALA A 278 -4.17 -14.44 4.17
N ARG A 279 -4.95 -14.91 5.16
N ARG A 279 -4.94 -14.92 5.16
CA ARG A 279 -4.77 -16.27 5.66
CA ARG A 279 -4.74 -16.28 5.64
C ARG A 279 -4.92 -17.29 4.54
C ARG A 279 -4.89 -17.29 4.50
N LEU A 280 -5.96 -17.14 3.72
CA LEU A 280 -6.17 -18.07 2.61
C LEU A 280 -5.03 -18.02 1.61
N ALA A 281 -4.51 -16.82 1.34
CA ALA A 281 -3.36 -16.70 0.44
C ALA A 281 -2.16 -17.44 0.97
N LEU A 282 -1.84 -17.27 2.26
CA LEU A 282 -0.70 -17.97 2.81
C LEU A 282 -0.94 -19.47 2.80
N GLU A 283 -2.16 -19.91 3.13
CA GLU A 283 -2.45 -21.33 3.08
C GLU A 283 -2.29 -21.86 1.66
N GLY A 284 -2.75 -21.08 0.67
CA GLY A 284 -2.64 -21.52 -0.72
C GLY A 284 -1.22 -21.65 -1.20
N LEU A 285 -0.30 -20.91 -0.59
CA LEU A 285 1.12 -21.02 -0.87
C LEU A 285 1.82 -22.08 -0.04
N GLY A 286 1.10 -22.74 0.88
CA GLY A 286 1.72 -23.78 1.68
C GLY A 286 2.61 -23.22 2.76
N VAL A 287 2.44 -21.97 3.12
CA VAL A 287 3.20 -21.38 4.21
C VAL A 287 2.47 -21.73 5.51
N ASN A 288 3.15 -22.46 6.40
CA ASN A 288 2.57 -22.80 7.69
C ASN A 288 2.60 -21.58 8.60
N GLY A 289 1.43 -21.18 9.09
CA GLY A 289 1.32 -20.10 10.06
C GLY A 289 0.92 -20.64 11.42
#